data_4KTJ
#
_entry.id   4KTJ
#
_cell.length_a   78.030
_cell.length_b   78.030
_cell.length_c   265.161
_cell.angle_alpha   90.00
_cell.angle_beta   90.00
_cell.angle_gamma   120.00
#
_symmetry.space_group_name_H-M   'P 65 2 2'
#
loop_
_entity.id
_entity.type
_entity.pdbx_description
1 polymer 'Cytochrome P450 121'
2 non-polymer 'PROTOPORPHYRIN IX CONTAINING FE'
3 non-polymer 'SULFATE ION'
4 non-polymer 4-(3-amino-1H-pyrazol-4-yl)phenol
5 water water
#
_entity_poly.entity_id   1
_entity_poly.type   'polypeptide(L)'
_entity_poly.pdbx_seq_one_letter_code
;TATVLLEVPFSARGDRIPDAVAELRTREPIRKVRTITGAEAWLVSSYALCTQVLEDRRFSMKETAAAGAPRLNALTVPPE
VVNNMGNIADAGLRKAVMKAITPKAPGLEQFLRDTANSLLDNLITEGAPADLRNDFADPLATALHCKVLGIPQEDGPKLF
RSLSIAFMSSADPIPAAKINWDRDIEYMAGILENPNITTGLMGELSRLRKDPAYSHVSDELFATIGVTFFGAGVISTGSF
LTTALISLIQRPQLRNLLHEKPELIPAGVEELLRINLSFADGLPRLATADIQVGDVLVRKGELVLVLLEGANFDPEHFPN
PGSIELDRPNPTSHLAFGRGQHFCPGSALGRRHAQIGIEALLKKMPGVDLAVPIDQLVWRTRFQRRIPERLPVLW
;
_entity_poly.pdbx_strand_id   A
#
# COMPACT_ATOMS: atom_id res chain seq x y z
N ALA A 2 -17.32 -31.10 13.33
CA ALA A 2 -17.18 -29.65 13.62
C ALA A 2 -16.85 -28.80 12.38
N THR A 3 -17.11 -27.51 12.52
CA THR A 3 -16.38 -26.56 11.74
C THR A 3 -15.01 -26.42 12.38
N VAL A 4 -14.35 -25.44 11.92
CA VAL A 4 -13.06 -25.02 12.41
C VAL A 4 -13.14 -23.53 12.65
N LEU A 5 -12.17 -22.99 13.39
CA LEU A 5 -12.12 -21.53 13.57
C LEU A 5 -11.90 -20.86 12.21
N LEU A 6 -12.73 -19.88 11.96
CA LEU A 6 -12.72 -19.09 10.78
C LEU A 6 -11.31 -18.63 10.41
N GLU A 7 -10.86 -18.92 9.20
CA GLU A 7 -9.51 -18.63 8.77
C GLU A 7 -9.44 -17.30 7.96
N VAL A 8 -8.39 -16.53 8.14
CA VAL A 8 -8.16 -15.37 7.32
C VAL A 8 -6.86 -15.52 6.52
N PRO A 9 -6.68 -14.90 5.36
CA PRO A 9 -7.72 -14.06 4.72
C PRO A 9 -8.78 -14.91 4.01
N PHE A 10 -9.92 -14.27 3.71
CA PHE A 10 -11.02 -14.95 3.02
C PHE A 10 -10.84 -15.16 1.56
N SER A 11 -10.25 -14.23 0.85
CA SER A 11 -10.04 -14.31 -0.63
C SER A 11 -8.96 -13.39 -1.11
N ALA A 12 -8.16 -13.88 -2.04
CA ALA A 12 -7.13 -13.07 -2.64
C ALA A 12 -7.65 -12.20 -3.81
N ARG A 13 -8.95 -12.39 -4.18
CA ARG A 13 -9.50 -11.60 -5.31
C ARG A 13 -9.60 -10.17 -4.89
N GLY A 14 -9.10 -9.24 -5.70
CA GLY A 14 -9.12 -7.80 -5.38
C GLY A 14 -10.15 -7.03 -6.25
N ASP A 15 -11.02 -7.73 -6.97
CA ASP A 15 -12.10 -7.15 -7.83
C ASP A 15 -13.47 -7.20 -7.23
N ARG A 16 -13.58 -7.83 -6.11
CA ARG A 16 -14.92 -7.96 -5.43
C ARG A 16 -14.70 -8.21 -3.98
N ILE A 17 -15.49 -7.58 -3.15
CA ILE A 17 -15.54 -7.95 -1.72
C ILE A 17 -16.43 -9.19 -1.43
N PRO A 18 -15.98 -10.12 -0.58
CA PRO A 18 -16.80 -11.27 -0.26
C PRO A 18 -18.06 -10.86 0.50
N ASP A 19 -19.27 -11.39 0.14
CA ASP A 19 -20.46 -11.08 0.94
C ASP A 19 -20.27 -11.36 2.38
N ALA A 20 -19.41 -12.30 2.71
CA ALA A 20 -19.09 -12.60 4.07
C ALA A 20 -18.70 -11.35 4.93
N VAL A 21 -17.99 -10.39 4.36
CA VAL A 21 -17.53 -9.28 5.12
C VAL A 21 -18.79 -8.53 5.75
N ALA A 22 -19.82 -8.24 4.95
CA ALA A 22 -20.98 -7.55 5.53
C ALA A 22 -21.72 -8.37 6.57
N GLU A 23 -21.74 -9.71 6.42
CA GLU A 23 -22.28 -10.61 7.43
C GLU A 23 -21.55 -10.53 8.72
N LEU A 24 -20.18 -10.59 8.68
CA LEU A 24 -19.36 -10.44 9.90
C LEU A 24 -19.59 -9.15 10.56
N ARG A 25 -19.60 -8.08 9.74
CA ARG A 25 -19.72 -6.79 10.32
C ARG A 25 -21.07 -6.64 11.08
N THR A 26 -22.15 -7.08 10.47
CA THR A 26 -23.50 -7.03 11.11
C THR A 26 -23.54 -7.93 12.34
N ARG A 27 -23.08 -9.18 12.27
CA ARG A 27 -23.32 -10.20 13.31
C ARG A 27 -22.22 -10.06 14.41
N GLU A 28 -20.94 -9.80 14.04
CA GLU A 28 -19.78 -9.98 14.91
C GLU A 28 -18.65 -9.09 14.45
N PRO A 29 -18.73 -7.79 14.71
CA PRO A 29 -17.74 -6.89 14.13
C PRO A 29 -16.33 -6.95 14.77
N ILE A 30 -16.28 -7.66 15.92
CA ILE A 30 -15.01 -8.20 16.33
C ILE A 30 -15.17 -9.67 16.68
N ARG A 31 -14.33 -10.51 16.03
CA ARG A 31 -14.48 -11.96 16.22
C ARG A 31 -13.19 -12.69 15.97
N LYS A 32 -13.12 -13.84 16.63
CA LYS A 32 -11.92 -14.58 16.65
C LYS A 32 -11.70 -15.26 15.30
N VAL A 33 -10.47 -15.27 14.83
CA VAL A 33 -10.06 -15.95 13.57
C VAL A 33 -8.69 -16.62 13.73
N ARG A 34 -8.33 -17.49 12.77
CA ARG A 34 -7.00 -18.11 12.77
C ARG A 34 -6.22 -17.56 11.60
N THR A 35 -5.00 -17.21 11.81
CA THR A 35 -4.12 -16.70 10.75
C THR A 35 -3.37 -17.86 10.03
N ILE A 36 -2.58 -17.56 9.03
CA ILE A 36 -1.92 -18.61 8.27
C ILE A 36 -0.85 -19.28 9.14
N THR A 37 -0.42 -18.63 10.27
CA THR A 37 0.62 -19.26 11.10
C THR A 37 0.01 -20.18 12.10
N GLY A 38 -1.28 -20.29 12.21
CA GLY A 38 -1.96 -20.99 13.30
C GLY A 38 -2.35 -20.20 14.48
N ALA A 39 -1.84 -18.99 14.57
CA ALA A 39 -2.24 -18.09 15.68
C ALA A 39 -3.68 -17.70 15.66
N GLU A 40 -4.24 -17.38 16.81
CA GLU A 40 -5.58 -16.76 16.94
C GLU A 40 -5.37 -15.28 16.93
N ALA A 41 -6.43 -14.61 16.41
CA ALA A 41 -6.41 -13.13 16.36
C ALA A 41 -7.88 -12.67 16.44
N TRP A 42 -8.06 -11.40 16.77
CA TRP A 42 -9.39 -10.71 16.69
C TRP A 42 -9.51 -9.93 15.45
N LEU A 43 -10.42 -10.25 14.57
CA LEU A 43 -10.70 -9.54 13.32
C LEU A 43 -11.81 -8.44 13.56
N VAL A 44 -11.39 -7.24 13.26
CA VAL A 44 -12.29 -6.08 13.51
C VAL A 44 -12.70 -5.51 12.14
N SER A 45 -14.05 -5.38 11.98
CA SER A 45 -14.61 -5.17 10.64
C SER A 45 -15.64 -4.03 10.55
N SER A 46 -15.85 -3.30 11.61
CA SER A 46 -16.72 -2.07 11.50
C SER A 46 -15.95 -0.83 11.50
N TYR A 47 -16.49 0.27 10.92
CA TYR A 47 -15.79 1.52 10.94
C TYR A 47 -15.48 2.04 12.41
N ALA A 48 -16.50 1.96 13.24
CA ALA A 48 -16.37 2.40 14.64
C ALA A 48 -15.22 1.65 15.37
N LEU A 49 -15.21 0.33 15.23
CA LEU A 49 -14.22 -0.45 15.97
C LEU A 49 -12.86 -0.41 15.33
N CYS A 50 -12.76 -0.29 13.99
CA CYS A 50 -11.48 -0.16 13.37
C CYS A 50 -10.81 1.12 13.83
N THR A 51 -11.61 2.25 13.78
CA THR A 51 -11.09 3.53 14.23
C THR A 51 -10.62 3.50 15.71
N GLN A 52 -11.38 2.89 16.55
CA GLN A 52 -11.05 2.73 17.98
C GLN A 52 -9.65 2.12 18.16
N VAL A 53 -9.43 1.01 17.39
CA VAL A 53 -8.16 0.28 17.53
C VAL A 53 -7.04 1.09 16.96
N LEU A 54 -7.17 1.74 15.79
CA LEU A 54 -6.11 2.43 15.23
C LEU A 54 -5.72 3.74 16.02
N GLU A 55 -6.71 4.30 16.72
CA GLU A 55 -6.44 5.56 17.47
C GLU A 55 -6.00 5.27 18.90
N ASP A 56 -5.84 4.04 19.34
CA ASP A 56 -5.44 3.73 20.74
C ASP A 56 -4.07 3.06 20.65
N ARG A 57 -3.02 3.76 20.97
CA ARG A 57 -1.71 3.23 20.85
C ARG A 57 -1.39 1.98 21.70
N ARG A 58 -2.17 1.74 22.70
CA ARG A 58 -2.04 0.50 23.53
C ARG A 58 -2.21 -0.72 22.59
N PHE A 59 -2.84 -0.57 21.43
CA PHE A 59 -2.84 -1.61 20.35
C PHE A 59 -1.63 -1.23 19.61
N SER A 60 -0.50 -1.91 19.87
CA SER A 60 0.83 -1.51 19.41
C SER A 60 1.22 -2.13 18.04
N MET A 61 1.74 -1.38 17.09
CA MET A 61 2.38 -1.94 15.89
C MET A 61 3.70 -2.52 16.30
N LYS A 62 4.57 -1.76 17.01
CA LYS A 62 5.86 -2.24 17.28
C LYS A 62 5.89 -3.62 17.96
N GLU A 63 4.98 -3.81 18.87
CA GLU A 63 5.02 -5.04 19.71
C GLU A 63 4.60 -6.28 18.94
N THR A 64 4.07 -6.10 17.73
CA THR A 64 3.78 -7.28 16.90
C THR A 64 5.07 -8.04 16.60
N ALA A 65 6.24 -7.41 16.66
CA ALA A 65 7.52 -8.00 16.35
C ALA A 65 8.14 -8.78 17.51
N ALA A 66 7.57 -8.75 18.70
CA ALA A 66 8.18 -9.44 19.83
C ALA A 66 8.21 -10.91 19.65
N ALA A 67 9.32 -11.51 20.12
CA ALA A 67 9.49 -12.95 20.05
C ALA A 67 8.38 -13.55 20.87
N GLY A 68 7.76 -14.64 20.37
CA GLY A 68 6.74 -15.35 21.11
C GLY A 68 5.29 -14.88 20.93
N ALA A 69 5.15 -13.71 20.28
CA ALA A 69 3.77 -13.13 20.03
C ALA A 69 3.00 -14.03 19.06
N PRO A 70 1.70 -14.01 19.16
CA PRO A 70 0.88 -14.56 18.02
C PRO A 70 1.09 -13.70 16.80
N ARG A 71 1.35 -14.33 15.66
CA ARG A 71 1.71 -13.71 14.44
C ARG A 71 0.69 -13.81 13.32
N LEU A 72 0.44 -12.72 12.58
CA LEU A 72 -0.27 -12.76 11.29
C LEU A 72 0.48 -13.49 10.27
N ASN A 73 1.79 -13.21 10.19
CA ASN A 73 2.69 -13.76 9.14
C ASN A 73 4.15 -13.62 9.70
N ALA A 74 5.09 -14.23 9.00
CA ALA A 74 6.48 -14.14 9.37
C ALA A 74 7.05 -12.82 9.03
N LEU A 75 7.98 -12.32 9.79
CA LEU A 75 8.69 -11.08 9.43
C LEU A 75 9.54 -11.29 8.19
N THR A 76 9.59 -10.29 7.31
CA THR A 76 10.41 -10.30 6.17
C THR A 76 11.59 -9.32 6.29
N VAL A 77 11.60 -8.59 7.40
CA VAL A 77 12.61 -7.53 7.76
C VAL A 77 13.09 -7.84 9.10
N PRO A 78 14.28 -7.26 9.48
CA PRO A 78 14.70 -7.41 10.91
C PRO A 78 13.67 -6.85 11.88
N PRO A 79 13.50 -7.45 13.06
CA PRO A 79 12.46 -6.97 13.97
C PRO A 79 12.46 -5.51 14.35
N GLU A 80 13.63 -4.92 14.37
CA GLU A 80 13.66 -3.45 14.72
C GLU A 80 13.07 -2.59 13.64
N VAL A 81 13.04 -3.14 12.43
CA VAL A 81 12.51 -2.41 11.30
C VAL A 81 11.00 -2.31 11.29
N VAL A 82 10.35 -3.17 12.06
CA VAL A 82 8.92 -3.04 12.21
C VAL A 82 8.57 -1.69 12.81
N ASN A 83 9.45 -1.14 13.66
CA ASN A 83 9.22 0.16 14.24
C ASN A 83 9.89 1.30 13.43
N ASN A 84 9.86 1.16 12.09
CA ASN A 84 10.65 1.96 11.18
C ASN A 84 10.34 3.43 11.40
N MET A 85 9.09 3.85 11.43
CA MET A 85 8.79 5.28 11.68
C MET A 85 9.15 5.78 13.06
N GLY A 86 9.01 4.97 14.10
CA GLY A 86 9.50 5.34 15.40
C GLY A 86 11.00 5.56 15.41
N ASN A 87 11.79 4.71 14.74
CA ASN A 87 13.18 4.87 14.66
C ASN A 87 13.51 6.16 13.88
N ILE A 88 12.79 6.44 12.77
CA ILE A 88 13.03 7.68 12.04
C ILE A 88 12.74 8.88 12.90
N ALA A 89 11.65 8.84 13.65
CA ALA A 89 11.29 9.95 14.55
C ALA A 89 12.31 10.15 15.69
N ASP A 90 12.75 9.09 16.29
CA ASP A 90 13.78 9.15 17.35
C ASP A 90 15.12 9.70 16.86
N ALA A 91 15.45 9.53 15.56
CA ALA A 91 16.67 10.06 14.98
C ALA A 91 16.58 11.55 14.57
N GLY A 92 15.38 12.07 14.72
CA GLY A 92 15.06 13.46 14.39
C GLY A 92 14.87 13.70 12.89
N LEU A 93 14.51 12.63 12.12
CA LEU A 93 14.46 12.64 10.67
C LEU A 93 13.02 12.70 10.10
N ARG A 94 11.98 12.69 10.89
CA ARG A 94 10.59 12.60 10.39
C ARG A 94 10.27 13.76 9.48
N LYS A 95 10.59 14.97 9.92
CA LYS A 95 10.20 16.18 9.08
C LYS A 95 10.93 16.15 7.73
N ALA A 96 12.20 15.82 7.73
CA ALA A 96 12.95 15.76 6.52
C ALA A 96 12.54 14.66 5.53
N VAL A 97 12.24 13.47 6.08
CA VAL A 97 11.72 12.39 5.24
C VAL A 97 10.34 12.79 4.64
N MET A 98 9.49 13.29 5.47
CA MET A 98 8.17 13.69 5.00
C MET A 98 8.26 14.76 3.90
N LYS A 99 9.16 15.72 4.04
CA LYS A 99 9.33 16.75 3.03
C LYS A 99 9.81 16.20 1.67
N ALA A 100 10.71 15.23 1.74
CA ALA A 100 11.25 14.66 0.51
C ALA A 100 10.22 13.80 -0.26
N ILE A 101 9.18 13.35 0.36
CA ILE A 101 8.33 12.41 -0.39
C ILE A 101 6.98 13.05 -0.76
N THR A 102 6.89 14.37 -0.61
CA THR A 102 5.66 15.05 -1.10
C THR A 102 5.67 15.26 -2.64
N PRO A 103 4.46 15.21 -3.23
CA PRO A 103 4.44 15.29 -4.70
C PRO A 103 4.71 16.70 -5.22
N LYS A 104 4.87 17.65 -4.34
CA LYS A 104 5.00 19.05 -4.73
C LYS A 104 6.42 19.46 -5.08
N ALA A 105 7.44 18.61 -4.98
CA ALA A 105 8.79 19.03 -5.42
C ALA A 105 8.75 19.52 -6.90
N PRO A 106 9.42 20.67 -7.23
CA PRO A 106 9.47 21.08 -8.64
C PRO A 106 9.82 19.99 -9.66
N GLY A 107 9.04 19.93 -10.74
CA GLY A 107 9.28 18.99 -11.82
C GLY A 107 8.73 17.61 -11.55
N LEU A 108 8.24 17.33 -10.34
CA LEU A 108 7.93 15.89 -10.02
C LEU A 108 6.67 15.49 -10.81
N GLU A 109 5.60 16.29 -10.69
CA GLU A 109 4.37 15.96 -11.38
C GLU A 109 4.58 15.90 -12.88
N GLN A 110 5.42 16.75 -13.49
CA GLN A 110 5.60 16.80 -14.91
C GLN A 110 6.34 15.51 -15.27
N PHE A 111 7.25 15.12 -14.39
CA PHE A 111 8.03 13.88 -14.61
C PHE A 111 7.05 12.67 -14.65
N LEU A 112 6.14 12.67 -13.73
CA LEU A 112 5.08 11.61 -13.62
C LEU A 112 4.26 11.61 -14.90
N ARG A 113 3.83 12.77 -15.41
CA ARG A 113 2.95 12.83 -16.56
C ARG A 113 3.70 12.36 -17.78
N ASP A 114 4.95 12.83 -17.93
CA ASP A 114 5.83 12.43 -18.97
C ASP A 114 6.03 10.94 -19.01
N THR A 115 6.30 10.35 -17.83
CA THR A 115 6.58 8.93 -17.72
C THR A 115 5.31 8.11 -18.15
N ALA A 116 4.22 8.48 -17.57
CA ALA A 116 2.93 7.83 -17.90
C ALA A 116 2.64 7.90 -19.39
N ASN A 117 2.80 9.09 -20.01
CA ASN A 117 2.50 9.24 -21.42
C ASN A 117 3.45 8.44 -22.23
N SER A 118 4.73 8.32 -21.87
CA SER A 118 5.60 7.55 -22.64
C SER A 118 5.26 6.01 -22.63
N LEU A 119 5.09 5.46 -21.40
CA LEU A 119 4.63 4.11 -21.16
C LEU A 119 3.36 3.82 -22.02
N LEU A 120 2.41 4.73 -22.01
CA LEU A 120 1.21 4.48 -22.82
C LEU A 120 1.50 4.54 -24.31
N ASP A 121 2.36 5.47 -24.77
CA ASP A 121 2.66 5.50 -26.23
C ASP A 121 3.30 4.25 -26.64
N ASN A 122 4.19 3.67 -25.81
CA ASN A 122 4.86 2.44 -26.13
C ASN A 122 3.88 1.29 -26.24
N LEU A 123 2.90 1.25 -25.33
CA LEU A 123 1.82 0.23 -25.47
C LEU A 123 1.04 0.40 -26.77
N ILE A 124 0.69 1.60 -27.12
CA ILE A 124 -0.09 1.86 -28.35
C ILE A 124 0.72 1.46 -29.58
N THR A 125 2.02 1.76 -29.60
CA THR A 125 2.85 1.35 -30.72
C THR A 125 2.90 -0.13 -30.90
N GLU A 126 2.98 -0.84 -29.80
CA GLU A 126 3.17 -2.25 -29.81
C GLU A 126 1.82 -2.94 -30.25
N GLY A 127 0.68 -2.31 -29.98
CA GLY A 127 -0.61 -2.86 -30.32
C GLY A 127 -1.21 -3.70 -29.20
N ALA A 128 -2.53 -3.79 -29.15
CA ALA A 128 -3.27 -4.61 -28.12
C ALA A 128 -3.16 -6.09 -28.38
N PRO A 129 -3.16 -6.90 -27.33
CA PRO A 129 -3.44 -6.50 -25.95
C PRO A 129 -2.19 -5.99 -25.24
N ALA A 130 -2.38 -5.24 -24.19
CA ALA A 130 -1.31 -4.67 -23.35
C ALA A 130 -1.54 -5.19 -21.92
N ASP A 131 -0.47 -5.28 -21.12
CA ASP A 131 -0.61 -5.67 -19.71
C ASP A 131 -0.48 -4.39 -18.83
N LEU A 132 -1.55 -3.85 -18.33
CA LEU A 132 -1.42 -2.59 -17.56
C LEU A 132 -0.79 -2.68 -16.19
N ARG A 133 -0.54 -3.87 -15.68
CA ARG A 133 0.19 -3.94 -14.44
C ARG A 133 1.68 -3.94 -14.77
N ASN A 134 2.18 -4.90 -15.51
CA ASN A 134 3.60 -4.99 -15.72
C ASN A 134 4.15 -3.96 -16.58
N ASP A 135 3.41 -3.47 -17.52
CA ASP A 135 3.89 -2.50 -18.51
C ASP A 135 3.31 -1.12 -18.38
N PHE A 136 2.63 -0.82 -17.28
CA PHE A 136 2.18 0.55 -16.99
C PHE A 136 2.20 0.84 -15.51
N ALA A 137 1.37 0.31 -14.70
CA ALA A 137 1.25 0.72 -13.29
C ALA A 137 2.55 0.51 -12.53
N ASP A 138 3.10 -0.62 -12.59
CA ASP A 138 4.37 -0.97 -11.84
C ASP A 138 5.55 -0.21 -12.35
N PRO A 139 5.78 -0.03 -13.65
CA PRO A 139 6.94 0.75 -14.06
C PRO A 139 6.65 2.22 -13.71
N LEU A 140 5.45 2.74 -13.73
CA LEU A 140 5.16 4.15 -13.36
C LEU A 140 5.53 4.29 -11.88
N ALA A 141 5.07 3.38 -11.02
CA ALA A 141 5.49 3.44 -9.57
C ALA A 141 6.95 3.35 -9.32
N THR A 142 7.65 2.54 -10.05
CA THR A 142 9.10 2.31 -9.93
C THR A 142 9.79 3.57 -10.36
N ALA A 143 9.49 4.14 -11.52
CA ALA A 143 10.10 5.37 -11.96
C ALA A 143 9.86 6.46 -10.98
N LEU A 144 8.68 6.63 -10.49
CA LEU A 144 8.30 7.67 -9.50
C LEU A 144 9.27 7.54 -8.29
N HIS A 145 9.43 6.39 -7.73
CA HIS A 145 10.22 6.22 -6.51
C HIS A 145 11.68 6.33 -6.74
N CYS A 146 12.20 6.04 -7.93
CA CYS A 146 13.60 6.35 -8.22
C CYS A 146 13.73 7.86 -8.18
N LYS A 147 12.82 8.62 -8.80
CA LYS A 147 12.92 10.04 -8.84
C LYS A 147 12.84 10.61 -7.44
N VAL A 148 11.92 10.22 -6.63
CA VAL A 148 11.69 10.72 -5.31
C VAL A 148 12.91 10.37 -4.40
N LEU A 149 13.51 9.27 -4.57
CA LEU A 149 14.72 8.87 -3.85
C LEU A 149 15.96 9.59 -4.34
N GLY A 150 15.99 10.04 -5.62
CA GLY A 150 17.20 10.60 -6.18
C GLY A 150 18.14 9.60 -6.70
N ILE A 151 17.74 8.37 -6.98
CA ILE A 151 18.54 7.33 -7.52
C ILE A 151 18.38 7.11 -8.99
N PRO A 152 19.35 6.53 -9.65
CA PRO A 152 19.24 6.34 -11.07
C PRO A 152 17.99 5.49 -11.47
N GLN A 153 17.34 5.89 -12.56
CA GLN A 153 16.20 5.15 -13.06
C GLN A 153 16.55 3.76 -13.44
N GLU A 154 17.75 3.51 -13.93
CA GLU A 154 18.13 2.21 -14.41
C GLU A 154 18.28 1.21 -13.26
N ASP A 155 18.36 1.70 -12.00
CA ASP A 155 18.49 0.80 -10.85
C ASP A 155 17.06 0.36 -10.40
N GLY A 156 16.02 1.02 -10.84
CA GLY A 156 14.68 0.70 -10.42
C GLY A 156 14.24 -0.78 -10.66
N PRO A 157 14.49 -1.38 -11.79
CA PRO A 157 14.00 -2.77 -12.04
C PRO A 157 14.54 -3.84 -11.10
N LYS A 158 15.80 -3.78 -10.82
CA LYS A 158 16.40 -4.77 -9.90
C LYS A 158 15.85 -4.54 -8.51
N LEU A 159 15.75 -3.26 -8.00
CA LEU A 159 15.11 -3.01 -6.66
C LEU A 159 13.72 -3.59 -6.64
N PHE A 160 12.97 -3.33 -7.73
CA PHE A 160 11.63 -3.78 -7.85
C PHE A 160 11.48 -5.31 -7.72
N ARG A 161 12.39 -5.98 -8.35
CA ARG A 161 12.23 -7.47 -8.37
C ARG A 161 12.40 -8.10 -6.95
N SER A 162 12.91 -7.41 -5.94
CA SER A 162 12.86 -7.92 -4.59
C SER A 162 11.41 -8.00 -4.10
N LEU A 163 10.47 -7.22 -4.61
CA LEU A 163 9.22 -6.96 -3.98
C LEU A 163 8.16 -8.12 -3.95
N SER A 164 8.27 -8.99 -4.91
CA SER A 164 7.32 -10.15 -4.98
C SER A 164 7.62 -11.16 -3.88
N ILE A 165 8.80 -11.03 -3.23
CA ILE A 165 9.21 -11.82 -2.03
C ILE A 165 9.06 -10.95 -0.79
N ALA A 166 9.54 -9.66 -0.87
CA ALA A 166 9.59 -8.85 0.33
C ALA A 166 8.30 -8.64 0.99
N PHE A 167 7.23 -8.58 0.20
CA PHE A 167 5.87 -8.30 0.64
C PHE A 167 5.04 -9.57 0.62
N MET A 168 5.66 -10.76 0.64
CA MET A 168 4.90 -11.96 0.88
C MET A 168 4.30 -11.97 2.32
N SER A 169 3.17 -12.64 2.44
CA SER A 169 2.49 -12.92 3.69
C SER A 169 2.54 -14.37 3.96
N SER A 170 3.62 -14.84 4.60
CA SER A 170 4.07 -16.24 4.70
C SER A 170 3.86 -16.77 6.11
N ALA A 171 3.61 -18.01 6.29
CA ALA A 171 3.57 -18.63 7.60
C ALA A 171 4.97 -18.72 8.22
N ASP A 172 6.03 -18.86 7.43
CA ASP A 172 7.33 -19.13 7.82
C ASP A 172 8.32 -18.14 7.27
N PRO A 173 9.49 -17.95 7.94
CA PRO A 173 10.51 -17.13 7.42
C PRO A 173 10.94 -17.47 5.99
N ILE A 174 11.35 -16.46 5.20
CA ILE A 174 11.64 -16.59 3.81
C ILE A 174 13.09 -16.34 3.52
N PRO A 175 13.90 -17.38 3.21
CA PRO A 175 15.32 -17.18 3.04
C PRO A 175 15.62 -16.10 1.94
N ALA A 176 14.88 -16.10 0.78
CA ALA A 176 15.18 -15.12 -0.24
C ALA A 176 14.94 -13.67 0.26
N ALA A 177 14.06 -13.47 1.16
CA ALA A 177 13.84 -12.13 1.70
C ALA A 177 15.08 -11.54 2.37
N LYS A 178 15.83 -12.38 3.12
CA LYS A 178 17.06 -11.91 3.73
C LYS A 178 18.11 -11.65 2.72
N ILE A 179 18.29 -12.51 1.72
CA ILE A 179 19.26 -12.31 0.67
C ILE A 179 19.02 -10.97 -0.07
N ASN A 180 17.77 -10.70 -0.39
CA ASN A 180 17.40 -9.47 -1.13
C ASN A 180 17.51 -8.24 -0.24
N TRP A 181 17.12 -8.37 0.98
CA TRP A 181 17.23 -7.30 2.00
C TRP A 181 18.67 -6.88 2.21
N ASP A 182 19.54 -7.83 2.41
CA ASP A 182 20.95 -7.47 2.67
C ASP A 182 21.55 -6.88 1.47
N ARG A 183 21.21 -7.32 0.25
CA ARG A 183 21.75 -6.73 -0.93
C ARG A 183 21.17 -5.32 -1.18
N ASP A 184 19.92 -5.05 -0.91
CA ASP A 184 19.33 -3.79 -1.15
C ASP A 184 19.89 -2.81 -0.14
N ILE A 185 20.13 -3.24 1.13
CA ILE A 185 20.76 -2.34 2.13
C ILE A 185 22.16 -1.99 1.69
N GLU A 186 22.87 -2.91 1.14
CA GLU A 186 24.23 -2.61 0.66
C GLU A 186 24.12 -1.56 -0.47
N TYR A 187 23.17 -1.72 -1.41
CA TYR A 187 22.95 -0.74 -2.48
C TYR A 187 22.70 0.65 -1.89
N MET A 188 21.80 0.76 -0.92
CA MET A 188 21.49 2.06 -0.37
C MET A 188 22.65 2.66 0.41
N ALA A 189 23.42 1.80 1.04
CA ALA A 189 24.65 2.32 1.72
C ALA A 189 25.59 2.88 0.67
N GLY A 190 25.75 2.24 -0.44
CA GLY A 190 26.55 2.77 -1.56
C GLY A 190 26.04 4.09 -2.05
N ILE A 191 24.72 4.27 -2.11
CA ILE A 191 24.13 5.52 -2.54
C ILE A 191 24.55 6.64 -1.62
N LEU A 192 24.47 6.43 -0.33
CA LEU A 192 24.85 7.40 0.67
C LEU A 192 26.30 7.84 0.54
N GLU A 193 27.15 7.04 -0.01
CA GLU A 193 28.62 7.33 -0.12
C GLU A 193 28.90 7.88 -1.53
N ASN A 194 27.90 7.95 -2.41
CA ASN A 194 28.03 8.29 -3.87
C ASN A 194 27.80 9.79 -4.11
N PRO A 195 28.95 10.50 -4.49
CA PRO A 195 28.87 11.96 -4.57
C PRO A 195 27.92 12.49 -5.60
N ASN A 196 27.52 11.67 -6.60
CA ASN A 196 26.59 12.07 -7.64
C ASN A 196 25.15 12.11 -7.15
N ILE A 197 24.86 11.61 -5.94
CA ILE A 197 23.53 11.51 -5.48
C ILE A 197 23.29 12.69 -4.57
N THR A 198 22.62 13.72 -5.05
CA THR A 198 22.44 14.99 -4.35
C THR A 198 21.04 15.52 -4.32
N THR A 199 20.07 14.74 -4.93
CA THR A 199 18.72 15.13 -4.92
C THR A 199 17.81 14.09 -4.29
N GLY A 200 16.60 14.43 -4.09
CA GLY A 200 15.61 13.50 -3.54
C GLY A 200 15.86 13.10 -2.10
N LEU A 201 15.19 12.07 -1.62
CA LEU A 201 15.29 11.58 -0.29
C LEU A 201 16.70 11.08 -0.01
N MET A 202 17.36 10.36 -0.85
CA MET A 202 18.73 9.92 -0.60
C MET A 202 19.72 11.03 -0.59
N GLY A 203 19.53 12.03 -1.45
CA GLY A 203 20.49 13.21 -1.45
C GLY A 203 20.31 13.91 -0.18
N GLU A 204 19.15 14.09 0.38
CA GLU A 204 18.93 14.79 1.61
C GLU A 204 19.49 13.94 2.77
N LEU A 205 19.25 12.60 2.84
CA LEU A 205 19.79 11.80 3.89
C LEU A 205 21.28 11.90 3.87
N SER A 206 21.88 11.87 2.68
CA SER A 206 23.32 11.91 2.55
C SER A 206 23.91 13.17 3.18
N ARG A 207 23.28 14.28 2.98
CA ARG A 207 23.75 15.55 3.58
C ARG A 207 23.54 15.44 5.08
N LEU A 208 22.37 15.06 5.57
CA LEU A 208 22.11 15.02 7.02
C LEU A 208 23.13 14.07 7.65
N ARG A 209 23.51 12.99 7.04
CA ARG A 209 24.50 12.01 7.61
C ARG A 209 25.80 12.71 8.01
N LYS A 210 26.17 13.76 7.31
CA LYS A 210 27.44 14.46 7.53
C LYS A 210 27.24 15.71 8.31
N ASP A 211 26.09 16.02 8.78
CA ASP A 211 25.81 17.12 9.63
C ASP A 211 26.02 16.77 11.07
N PRO A 212 26.64 17.70 11.87
CA PRO A 212 26.91 17.34 13.27
C PRO A 212 25.70 16.97 14.06
N ALA A 213 24.56 17.51 13.78
CA ALA A 213 23.31 17.25 14.48
C ALA A 213 22.87 15.77 14.35
N TYR A 214 23.46 15.03 13.46
CA TYR A 214 23.07 13.61 13.13
C TYR A 214 24.23 12.63 13.17
N SER A 215 25.33 13.09 13.81
CA SER A 215 26.50 12.28 13.82
C SER A 215 26.46 10.88 14.51
N HIS A 216 25.46 10.77 15.35
CA HIS A 216 25.24 9.48 16.09
C HIS A 216 24.05 8.72 15.58
N VAL A 217 23.47 9.09 14.44
CA VAL A 217 22.47 8.30 13.74
C VAL A 217 23.20 7.26 12.93
N SER A 218 22.70 5.97 12.99
CA SER A 218 23.43 4.94 12.38
C SER A 218 23.35 4.87 10.89
N ASP A 219 24.40 4.48 10.24
CA ASP A 219 24.43 4.22 8.82
C ASP A 219 23.35 3.16 8.49
N GLU A 220 23.05 2.25 9.42
CA GLU A 220 22.11 1.21 9.09
C GLU A 220 20.76 1.87 8.97
N LEU A 221 20.41 2.80 9.84
CA LEU A 221 19.08 3.52 9.73
C LEU A 221 18.95 4.28 8.45
N PHE A 222 20.01 4.97 8.04
CA PHE A 222 19.94 5.70 6.79
C PHE A 222 19.68 4.79 5.60
N ALA A 223 20.38 3.70 5.48
CA ALA A 223 20.14 2.74 4.40
C ALA A 223 18.74 2.15 4.50
N THR A 224 18.35 1.79 5.70
CA THR A 224 17.01 1.22 5.91
C THR A 224 15.90 2.14 5.46
N ILE A 225 15.99 3.45 5.69
CA ILE A 225 14.98 4.37 5.13
C ILE A 225 14.93 4.24 3.63
N GLY A 226 15.98 4.20 2.92
CA GLY A 226 15.95 4.04 1.45
C GLY A 226 15.19 2.77 1.04
N VAL A 227 15.58 1.65 1.58
CA VAL A 227 14.99 0.35 1.20
C VAL A 227 13.53 0.34 1.55
N THR A 228 13.16 0.75 2.74
CA THR A 228 11.77 0.64 3.18
C THR A 228 10.89 1.56 2.41
N PHE A 229 11.26 2.82 2.19
CA PHE A 229 10.41 3.82 1.47
C PHE A 229 10.30 3.40 0.01
N PHE A 230 11.34 3.00 -0.64
CA PHE A 230 11.21 2.45 -2.04
C PHE A 230 10.22 1.33 -2.05
N GLY A 231 10.34 0.34 -1.16
CA GLY A 231 9.54 -0.90 -1.25
C GLY A 231 8.16 -0.60 -0.88
N ALA A 232 7.86 0.03 0.26
CA ALA A 232 6.47 0.30 0.60
C ALA A 232 5.81 1.21 -0.44
N GLY A 233 6.49 2.24 -0.90
CA GLY A 233 5.91 3.14 -1.85
C GLY A 233 5.61 2.40 -3.18
N VAL A 234 6.55 1.73 -3.75
CA VAL A 234 6.36 1.06 -5.01
C VAL A 234 5.28 -0.01 -4.92
N ILE A 235 5.30 -0.87 -3.92
CA ILE A 235 4.32 -1.90 -3.90
C ILE A 235 2.99 -1.28 -3.70
N SER A 236 2.83 -0.28 -2.86
CA SER A 236 1.55 0.26 -2.49
C SER A 236 0.93 1.07 -3.64
N THR A 237 1.68 1.88 -4.32
CA THR A 237 1.17 2.66 -5.43
C THR A 237 0.97 1.77 -6.66
N GLY A 238 1.83 0.88 -7.01
CA GLY A 238 1.64 0.04 -8.14
C GLY A 238 0.44 -0.83 -7.98
N SER A 239 0.22 -1.39 -6.85
CA SER A 239 -0.90 -2.29 -6.55
C SER A 239 -2.16 -1.51 -6.50
N PHE A 240 -2.24 -0.37 -5.75
CA PHE A 240 -3.42 0.46 -5.79
C PHE A 240 -3.79 0.91 -7.21
N LEU A 241 -2.92 1.42 -7.98
CA LEU A 241 -3.27 1.88 -9.31
C LEU A 241 -3.80 0.71 -10.12
N THR A 242 -3.24 -0.46 -10.07
CA THR A 242 -3.65 -1.61 -10.89
C THR A 242 -5.08 -1.93 -10.56
N THR A 243 -5.43 -2.12 -9.31
CA THR A 243 -6.78 -2.54 -8.97
C THR A 243 -7.76 -1.35 -9.15
N ALA A 244 -7.35 -0.10 -9.01
CA ALA A 244 -8.25 1.04 -9.32
C ALA A 244 -8.58 1.04 -10.82
N LEU A 245 -7.61 0.77 -11.69
CA LEU A 245 -7.86 0.65 -13.12
C LEU A 245 -8.91 -0.42 -13.40
N ILE A 246 -8.89 -1.58 -12.79
CA ILE A 246 -9.95 -2.60 -12.95
C ILE A 246 -11.26 -1.95 -12.60
N SER A 247 -11.36 -1.28 -11.44
CA SER A 247 -12.68 -0.76 -10.97
C SER A 247 -13.15 0.29 -11.93
N LEU A 248 -12.29 1.04 -12.53
CA LEU A 248 -12.67 2.06 -13.52
C LEU A 248 -13.12 1.40 -14.83
N ILE A 249 -12.37 0.46 -15.38
CA ILE A 249 -12.65 -0.24 -16.63
C ILE A 249 -13.99 -0.87 -16.55
N GLN A 250 -14.34 -1.42 -15.43
CA GLN A 250 -15.60 -2.07 -15.25
CA GLN A 250 -15.63 -2.07 -15.18
C GLN A 250 -16.79 -1.07 -15.03
N ARG A 251 -16.52 0.23 -15.05
CA ARG A 251 -17.61 1.30 -14.91
C ARG A 251 -17.44 2.26 -16.09
N PRO A 252 -17.90 1.85 -17.34
CA PRO A 252 -17.75 2.67 -18.51
C PRO A 252 -18.40 4.10 -18.35
N GLN A 253 -19.51 4.11 -17.59
CA GLN A 253 -20.24 5.41 -17.36
C GLN A 253 -19.26 6.38 -16.59
N LEU A 254 -18.56 5.86 -15.56
CA LEU A 254 -17.63 6.65 -14.78
C LEU A 254 -16.40 6.99 -15.56
N ARG A 255 -15.86 6.02 -16.35
CA ARG A 255 -14.71 6.19 -17.23
C ARG A 255 -14.98 7.34 -18.13
N ASN A 256 -16.21 7.37 -18.71
CA ASN A 256 -16.60 8.40 -19.67
C ASN A 256 -16.77 9.74 -19.02
N LEU A 257 -17.44 9.81 -17.84
CA LEU A 257 -17.48 11.05 -17.05
C LEU A 257 -16.16 11.64 -16.67
N LEU A 258 -15.24 10.79 -16.22
CA LEU A 258 -13.87 11.24 -15.93
C LEU A 258 -13.07 11.69 -17.10
N HIS A 259 -13.20 10.93 -18.19
CA HIS A 259 -12.52 11.36 -19.47
C HIS A 259 -13.02 12.75 -19.88
N GLU A 260 -14.31 12.94 -19.80
CA GLU A 260 -14.92 14.19 -20.25
C GLU A 260 -14.64 15.34 -19.30
N LYS A 261 -14.76 15.09 -18.00
CA LYS A 261 -14.53 16.10 -16.99
C LYS A 261 -13.40 15.75 -16.01
N PRO A 262 -12.14 15.96 -16.42
CA PRO A 262 -11.00 15.43 -15.67
C PRO A 262 -10.83 16.14 -14.37
N GLU A 263 -11.48 17.26 -14.17
CA GLU A 263 -11.39 17.95 -12.89
C GLU A 263 -12.06 17.09 -11.77
N LEU A 264 -12.88 16.11 -12.15
CA LEU A 264 -13.47 15.13 -11.21
C LEU A 264 -12.48 13.98 -10.86
N ILE A 265 -11.33 13.92 -11.46
CA ILE A 265 -10.44 12.76 -11.24
C ILE A 265 -10.04 12.71 -9.77
N PRO A 266 -9.78 13.83 -9.12
CA PRO A 266 -9.38 13.64 -7.69
C PRO A 266 -10.49 13.13 -6.87
N ALA A 267 -11.73 13.52 -7.07
CA ALA A 267 -12.85 12.93 -6.36
C ALA A 267 -13.07 11.43 -6.69
N GLY A 268 -12.80 11.10 -7.91
CA GLY A 268 -12.96 9.70 -8.28
C GLY A 268 -11.82 8.88 -7.69
N VAL A 269 -10.61 9.41 -7.68
CA VAL A 269 -9.47 8.71 -6.96
C VAL A 269 -9.77 8.52 -5.55
N GLU A 270 -10.39 9.48 -4.86
CA GLU A 270 -10.67 9.31 -3.52
C GLU A 270 -11.67 8.18 -3.28
N GLU A 271 -12.69 8.06 -4.12
CA GLU A 271 -13.60 6.91 -4.05
C GLU A 271 -12.95 5.58 -4.39
N LEU A 272 -12.11 5.64 -5.36
CA LEU A 272 -11.29 4.42 -5.68
C LEU A 272 -10.41 3.97 -4.50
N LEU A 273 -9.84 4.96 -3.79
CA LEU A 273 -9.14 4.60 -2.52
C LEU A 273 -10.09 4.01 -1.57
N ARG A 274 -11.29 4.56 -1.35
CA ARG A 274 -12.23 4.05 -0.38
C ARG A 274 -12.61 2.58 -0.66
N ILE A 275 -12.84 2.26 -1.94
CA ILE A 275 -13.32 0.94 -2.28
C ILE A 275 -12.19 -0.06 -2.48
N ASN A 276 -10.98 0.33 -2.33
CA ASN A 276 -9.81 -0.47 -2.74
C ASN A 276 -9.57 -1.63 -1.81
N LEU A 277 -9.35 -2.79 -2.44
CA LEU A 277 -9.09 -4.05 -1.78
C LEU A 277 -7.60 -4.45 -1.88
N SER A 278 -6.71 -3.52 -2.03
CA SER A 278 -5.30 -3.77 -2.18
C SER A 278 -4.69 -4.43 -0.97
N PHE A 279 -4.99 -4.07 0.23
CA PHE A 279 -4.42 -4.75 1.41
C PHE A 279 -5.07 -6.08 1.59
N ALA A 280 -4.23 -7.13 1.55
CA ALA A 280 -4.67 -8.49 1.58
C ALA A 280 -5.04 -9.00 2.95
N ASP A 281 -4.51 -8.34 4.00
CA ASP A 281 -4.73 -8.71 5.39
C ASP A 281 -5.10 -7.52 6.21
N GLY A 282 -5.77 -7.75 7.28
CA GLY A 282 -5.99 -6.66 8.27
C GLY A 282 -4.65 -6.14 8.74
N LEU A 283 -4.66 -4.87 9.22
CA LEU A 283 -3.46 -4.27 9.76
C LEU A 283 -3.27 -4.82 11.18
N PRO A 284 -2.06 -5.38 11.47
CA PRO A 284 -1.86 -6.06 12.80
C PRO A 284 -1.40 -5.04 13.86
N ARG A 285 -1.89 -5.39 15.05
CA ARG A 285 -1.59 -4.67 16.33
C ARG A 285 -1.50 -5.72 17.47
N LEU A 286 -0.65 -5.49 18.49
CA LEU A 286 -0.63 -6.37 19.62
C LEU A 286 -1.17 -5.59 20.81
N ALA A 287 -2.10 -6.11 21.52
CA ALA A 287 -2.63 -5.44 22.74
C ALA A 287 -1.60 -5.43 23.81
N THR A 288 -1.34 -4.24 24.40
CA THR A 288 -0.43 -4.06 25.53
C THR A 288 -1.17 -3.95 26.86
N ALA A 289 -2.45 -4.05 26.89
CA ALA A 289 -3.30 -4.00 28.06
C ALA A 289 -4.60 -4.72 27.79
N ASP A 290 -5.49 -4.90 28.72
CA ASP A 290 -6.73 -5.48 28.54
C ASP A 290 -7.64 -4.32 28.15
N ILE A 291 -8.28 -4.32 26.97
CA ILE A 291 -9.03 -3.20 26.38
C ILE A 291 -10.34 -3.73 25.86
N GLN A 292 -11.45 -3.14 26.24
CA GLN A 292 -12.75 -3.47 25.68
C GLN A 292 -12.93 -2.88 24.31
N VAL A 293 -13.31 -3.75 23.37
CA VAL A 293 -13.59 -3.37 21.92
C VAL A 293 -14.88 -4.00 21.54
N GLY A 294 -15.97 -3.18 21.45
CA GLY A 294 -17.26 -3.76 21.29
C GLY A 294 -17.65 -4.72 22.39
N ASP A 295 -18.16 -5.87 22.03
CA ASP A 295 -18.54 -6.87 23.03
C ASP A 295 -17.41 -7.73 23.52
N VAL A 296 -16.17 -7.54 23.08
CA VAL A 296 -15.02 -8.38 23.48
C VAL A 296 -14.02 -7.59 24.35
N LEU A 297 -13.51 -8.22 25.41
CA LEU A 297 -12.38 -7.76 26.21
C LEU A 297 -11.15 -8.38 25.59
N VAL A 298 -10.45 -7.59 24.79
CA VAL A 298 -9.18 -8.00 24.23
C VAL A 298 -8.17 -8.09 25.38
N ARG A 299 -7.42 -9.16 25.49
CA ARG A 299 -6.47 -9.33 26.53
C ARG A 299 -5.11 -8.99 26.14
N LYS A 300 -4.27 -8.53 27.06
CA LYS A 300 -2.90 -8.22 26.85
C LYS A 300 -2.15 -9.40 26.13
N GLY A 301 -1.39 -9.04 25.10
CA GLY A 301 -0.66 -9.98 24.39
C GLY A 301 -1.38 -10.63 23.18
N GLU A 302 -2.64 -10.34 22.99
CA GLU A 302 -3.40 -10.86 21.82
C GLU A 302 -3.21 -9.95 20.58
N LEU A 303 -3.36 -10.62 19.45
CA LEU A 303 -3.24 -10.02 18.12
C LEU A 303 -4.62 -9.57 17.66
N VAL A 304 -4.64 -8.33 17.16
CA VAL A 304 -5.81 -7.71 16.55
C VAL A 304 -5.47 -7.33 15.09
N LEU A 305 -6.48 -7.61 14.22
CA LEU A 305 -6.36 -7.35 12.83
C LEU A 305 -7.49 -6.38 12.35
N VAL A 306 -7.06 -5.21 11.91
CA VAL A 306 -7.96 -4.10 11.51
C VAL A 306 -8.21 -4.25 10.00
N LEU A 307 -9.46 -4.68 9.75
CA LEU A 307 -9.85 -4.99 8.33
C LEU A 307 -10.24 -3.70 7.59
N LEU A 308 -9.40 -3.15 6.74
CA LEU A 308 -9.63 -1.83 6.12
C LEU A 308 -10.92 -1.80 5.38
N GLU A 309 -11.19 -2.88 4.59
CA GLU A 309 -12.45 -2.91 3.80
C GLU A 309 -13.64 -3.10 4.65
N GLY A 310 -13.47 -3.63 5.85
CA GLY A 310 -14.52 -3.70 6.84
C GLY A 310 -14.99 -2.27 7.13
N ALA A 311 -14.06 -1.43 7.49
CA ALA A 311 -14.41 -0.01 7.74
C ALA A 311 -14.92 0.70 6.48
N ASN A 312 -14.22 0.50 5.36
CA ASN A 312 -14.54 1.38 4.16
C ASN A 312 -15.79 0.96 3.45
N PHE A 313 -16.29 -0.22 3.64
CA PHE A 313 -17.58 -0.61 3.16
C PHE A 313 -18.68 -0.65 4.15
N ASP A 314 -18.48 -0.06 5.32
CA ASP A 314 -19.47 0.00 6.38
C ASP A 314 -20.61 0.99 5.99
N PRO A 315 -21.81 0.43 5.82
CA PRO A 315 -22.94 1.34 5.33
C PRO A 315 -23.35 2.31 6.38
N GLU A 316 -23.03 2.11 7.65
CA GLU A 316 -23.31 3.14 8.72
C GLU A 316 -22.48 4.33 8.56
N HIS A 317 -21.32 4.30 7.93
CA HIS A 317 -20.50 5.44 7.64
C HIS A 317 -20.55 5.95 6.19
N PHE A 318 -20.66 4.99 5.22
CA PHE A 318 -20.60 5.27 3.81
C PHE A 318 -21.87 4.58 3.31
N PRO A 319 -23.01 5.30 3.22
CA PRO A 319 -24.19 4.73 2.66
C PRO A 319 -23.96 4.40 1.10
N ASN A 320 -24.60 3.26 0.78
CA ASN A 320 -24.41 2.60 -0.54
C ASN A 320 -22.94 2.41 -0.81
N PRO A 321 -22.34 1.60 0.13
CA PRO A 321 -20.90 1.55 0.17
C PRO A 321 -20.16 1.07 -1.05
N GLY A 322 -20.79 0.13 -1.78
CA GLY A 322 -20.19 -0.33 -2.97
C GLY A 322 -20.24 0.52 -4.20
N SER A 323 -20.99 1.66 -4.11
CA SER A 323 -21.07 2.56 -5.22
C SER A 323 -20.05 3.66 -5.18
N ILE A 324 -19.43 4.05 -6.27
CA ILE A 324 -18.54 5.22 -6.37
C ILE A 324 -19.46 6.44 -6.55
N GLU A 325 -19.42 7.32 -5.54
CA GLU A 325 -20.31 8.51 -5.52
C GLU A 325 -19.36 9.64 -5.32
N LEU A 326 -19.29 10.58 -6.26
CA LEU A 326 -18.30 11.67 -6.27
C LEU A 326 -18.69 12.88 -5.34
N ASP A 327 -19.84 12.77 -4.73
CA ASP A 327 -20.42 13.90 -3.91
C ASP A 327 -20.67 13.50 -2.50
N ARG A 328 -19.88 12.55 -1.94
CA ARG A 328 -20.10 12.20 -0.53
C ARG A 328 -19.59 13.43 0.34
N PRO A 329 -20.25 13.56 1.53
CA PRO A 329 -19.94 14.66 2.46
C PRO A 329 -18.72 14.34 3.31
N ASN A 330 -18.24 13.07 3.36
CA ASN A 330 -17.14 12.57 4.18
C ASN A 330 -16.18 11.85 3.27
N PRO A 331 -15.68 12.45 2.16
CA PRO A 331 -14.98 11.62 1.16
C PRO A 331 -13.59 11.14 1.59
N THR A 332 -12.85 11.90 2.39
CA THR A 332 -11.51 11.50 2.81
C THR A 332 -11.51 10.78 4.17
N SER A 333 -12.61 10.50 4.71
CA SER A 333 -12.73 9.84 5.99
C SER A 333 -12.57 8.29 5.96
N HIS A 334 -12.21 7.80 4.81
CA HIS A 334 -11.89 6.37 4.67
C HIS A 334 -10.57 6.06 5.37
N LEU A 335 -10.30 4.76 5.52
CA LEU A 335 -9.10 4.19 6.20
C LEU A 335 -8.11 3.66 5.18
N ALA A 336 -8.16 3.98 3.96
CA ALA A 336 -7.23 3.43 2.97
C ALA A 336 -5.76 3.69 3.25
N PHE A 337 -5.48 4.80 3.96
CA PHE A 337 -4.09 5.18 4.42
C PHE A 337 -3.90 4.88 5.88
N GLY A 338 -4.75 4.14 6.50
CA GLY A 338 -4.73 3.93 7.94
C GLY A 338 -5.28 5.15 8.70
N ARG A 339 -4.93 5.28 9.97
CA ARG A 339 -5.44 6.28 10.92
C ARG A 339 -4.56 6.26 12.11
N GLY A 340 -4.37 7.45 12.72
CA GLY A 340 -3.62 7.57 14.02
C GLY A 340 -2.10 7.64 13.84
N GLN A 341 -1.43 7.03 14.80
CA GLN A 341 0.03 7.14 14.98
C GLN A 341 0.73 6.73 13.65
N HIS A 342 0.22 5.65 12.97
CA HIS A 342 0.89 5.11 11.85
C HIS A 342 0.31 5.45 10.51
N PHE A 343 -0.50 6.53 10.45
CA PHE A 343 -1.07 7.06 9.22
C PHE A 343 0.00 7.17 8.16
N CYS A 344 -0.26 6.69 6.90
CA CYS A 344 0.71 6.58 5.85
C CYS A 344 1.51 7.89 5.63
N PRO A 345 2.78 7.91 5.61
CA PRO A 345 3.55 9.13 5.38
C PRO A 345 3.57 9.46 3.90
N GLY A 346 3.22 8.54 2.99
CA GLY A 346 3.22 8.84 1.56
C GLY A 346 1.84 9.09 0.94
N SER A 347 0.88 9.44 1.71
CA SER A 347 -0.55 9.50 1.26
C SER A 347 -0.68 10.48 0.09
N ALA A 348 -0.07 11.66 0.19
CA ALA A 348 -0.17 12.64 -0.91
C ALA A 348 0.45 12.16 -2.17
N LEU A 349 1.65 11.59 -2.06
CA LEU A 349 2.34 11.01 -3.13
C LEU A 349 1.49 9.86 -3.85
N GLY A 350 0.93 9.01 -3.05
CA GLY A 350 0.04 7.91 -3.58
C GLY A 350 -1.15 8.49 -4.30
N ARG A 351 -1.83 9.49 -3.80
CA ARG A 351 -2.93 10.11 -4.51
C ARG A 351 -2.50 10.67 -5.78
N ARG A 352 -1.41 11.37 -5.82
CA ARG A 352 -0.97 11.98 -7.05
C ARG A 352 -0.55 10.98 -8.14
N HIS A 353 0.19 9.93 -7.77
CA HIS A 353 0.53 8.88 -8.66
C HIS A 353 -0.77 8.33 -9.33
N ALA A 354 -1.82 8.05 -8.58
CA ALA A 354 -2.98 7.48 -9.15
C ALA A 354 -3.70 8.48 -10.01
N GLN A 355 -3.79 9.71 -9.55
CA GLN A 355 -4.50 10.79 -10.35
C GLN A 355 -3.85 10.98 -11.69
N ILE A 356 -2.51 11.09 -11.72
CA ILE A 356 -1.79 11.29 -12.96
C ILE A 356 -1.88 10.10 -13.85
N GLY A 357 -1.68 8.88 -13.30
CA GLY A 357 -1.76 7.65 -14.14
C GLY A 357 -3.16 7.56 -14.75
N ILE A 358 -4.19 7.78 -13.99
CA ILE A 358 -5.56 7.70 -14.55
C ILE A 358 -5.83 8.77 -15.59
N GLU A 359 -5.44 9.99 -15.33
CA GLU A 359 -5.60 11.10 -16.29
C GLU A 359 -4.94 10.68 -17.57
N ALA A 360 -3.73 10.22 -17.52
CA ALA A 360 -2.96 9.95 -18.71
C ALA A 360 -3.64 8.75 -19.49
N LEU A 361 -4.08 7.72 -18.77
CA LEU A 361 -4.67 6.55 -19.42
C LEU A 361 -5.98 6.95 -20.05
N LEU A 362 -6.82 7.72 -19.47
CA LEU A 362 -8.10 8.11 -20.09
C LEU A 362 -7.91 8.98 -21.32
N LYS A 363 -6.87 9.78 -21.34
CA LYS A 363 -6.68 10.63 -22.50
C LYS A 363 -6.12 9.76 -23.61
N LYS A 364 -5.11 8.89 -23.35
CA LYS A 364 -4.49 8.14 -24.39
C LYS A 364 -5.36 6.89 -24.88
N MET A 365 -6.13 6.28 -23.99
CA MET A 365 -6.91 5.11 -24.27
C MET A 365 -8.28 5.27 -23.78
N PRO A 366 -9.08 6.22 -24.35
CA PRO A 366 -10.40 6.39 -23.85
C PRO A 366 -11.35 5.18 -24.03
N GLY A 367 -11.04 4.38 -25.04
CA GLY A 367 -11.78 3.15 -25.23
C GLY A 367 -11.26 1.91 -24.41
N VAL A 368 -10.42 2.12 -23.40
CA VAL A 368 -9.85 0.97 -22.64
C VAL A 368 -10.92 0.07 -22.10
N ASP A 369 -10.61 -1.24 -22.26
CA ASP A 369 -11.48 -2.30 -21.83
C ASP A 369 -10.61 -3.55 -21.50
N LEU A 370 -11.12 -4.44 -20.65
CA LEU A 370 -10.42 -5.71 -20.45
C LEU A 370 -10.39 -6.47 -21.73
N ALA A 371 -9.33 -7.16 -21.98
CA ALA A 371 -9.16 -8.04 -23.19
C ALA A 371 -9.48 -9.45 -22.90
N VAL A 372 -9.74 -9.81 -21.62
CA VAL A 372 -10.11 -11.14 -21.15
C VAL A 372 -11.29 -11.02 -20.26
N PRO A 373 -12.13 -12.03 -20.12
CA PRO A 373 -13.18 -12.03 -19.09
C PRO A 373 -12.57 -11.78 -17.74
N ILE A 374 -13.24 -11.05 -16.87
CA ILE A 374 -12.66 -10.67 -15.57
C ILE A 374 -12.28 -11.82 -14.72
N ASP A 375 -12.95 -12.95 -14.81
CA ASP A 375 -12.68 -14.07 -14.02
C ASP A 375 -11.34 -14.70 -14.42
N GLN A 376 -10.82 -14.38 -15.61
CA GLN A 376 -9.53 -14.91 -16.06
C GLN A 376 -8.30 -14.25 -15.46
N LEU A 377 -8.51 -13.19 -14.70
CA LEU A 377 -7.36 -12.57 -13.95
C LEU A 377 -6.85 -13.52 -12.83
N VAL A 378 -5.53 -13.59 -12.74
CA VAL A 378 -4.84 -14.50 -11.79
C VAL A 378 -4.47 -13.70 -10.54
N TRP A 379 -5.06 -13.98 -9.39
CA TRP A 379 -4.82 -13.18 -8.17
C TRP A 379 -3.66 -13.77 -7.42
N ARG A 380 -2.70 -12.91 -7.14
CA ARG A 380 -1.52 -13.33 -6.35
C ARG A 380 -1.93 -13.78 -4.95
N THR A 381 -1.44 -14.95 -4.47
CA THR A 381 -1.79 -15.48 -3.17
C THR A 381 -0.57 -15.26 -2.17
N ARG A 382 -1.02 -15.37 -0.91
CA ARG A 382 -0.06 -15.31 0.22
C ARG A 382 0.88 -14.15 0.10
N PHE A 383 0.30 -12.97 -0.22
CA PHE A 383 0.99 -11.76 -0.41
C PHE A 383 0.29 -10.67 0.46
N GLN A 384 1.02 -9.58 0.72
CA GLN A 384 0.45 -8.53 1.58
C GLN A 384 -0.46 -7.55 0.75
N ARG A 385 -0.49 -7.68 -0.56
CA ARG A 385 -1.42 -6.96 -1.42
C ARG A 385 -2.19 -8.00 -2.24
N ARG A 386 -3.32 -7.52 -2.72
CA ARG A 386 -4.15 -8.28 -3.70
C ARG A 386 -3.85 -7.67 -5.06
N ILE A 387 -3.38 -8.38 -6.01
CA ILE A 387 -3.03 -7.93 -7.31
C ILE A 387 -3.15 -9.04 -8.34
N PRO A 388 -3.61 -8.67 -9.54
CA PRO A 388 -3.60 -9.62 -10.65
C PRO A 388 -2.18 -9.77 -11.18
N GLU A 389 -1.82 -10.98 -11.61
CA GLU A 389 -0.44 -11.15 -12.07
C GLU A 389 -0.25 -10.36 -13.40
N ARG A 390 -1.26 -10.39 -14.28
CA ARG A 390 -1.32 -9.61 -15.50
C ARG A 390 -2.63 -8.90 -15.52
N LEU A 391 -2.67 -7.80 -16.26
CA LEU A 391 -3.96 -7.03 -16.44
C LEU A 391 -4.09 -6.78 -17.97
N PRO A 392 -4.67 -7.73 -18.72
CA PRO A 392 -4.69 -7.58 -20.22
C PRO A 392 -5.85 -6.66 -20.62
N VAL A 393 -5.53 -5.69 -21.43
CA VAL A 393 -6.49 -4.71 -21.90
C VAL A 393 -6.32 -4.54 -23.42
N LEU A 394 -7.42 -3.95 -23.99
CA LEU A 394 -7.40 -3.43 -25.38
C LEU A 394 -8.10 -2.11 -25.32
N TRP A 395 -8.14 -1.41 -26.49
CA TRP A 395 -8.59 -0.02 -26.52
C TRP A 395 -9.04 0.36 -27.93
#